data_5VAK
#
_entry.id   5VAK
#
_cell.length_a   229.427
_cell.length_b   49.346
_cell.length_c   54.306
_cell.angle_alpha   90.000
_cell.angle_beta   100.220
_cell.angle_gamma   90.000
#
_symmetry.space_group_name_H-M   'C 1 2 1'
#
loop_
_entity.id
_entity.type
_entity.pdbx_description
1 polymer Beta-klotho
2 polymer Nb914
3 branched 2-acetamido-2-deoxy-beta-D-glucopyranose-(1-4)-2-acetamido-2-deoxy-beta-D-glucopyranose
4 non-polymer 2-acetamido-2-deoxy-beta-D-glucopyranose
5 water water
#
loop_
_entity_poly.entity_id
_entity_poly.type
_entity_poly.pdbx_seq_one_letter_code
_entity_poly.pdbx_strand_id
1 'polypeptide(L)'
;MSNGGLQRSVILSALILLRAVTGFSGDGRAIWSKNPNFTPVNESQLFLYDTFPKNFFWGIGTGALQVEGSWKKDGKGPSI
WDHFIHTHLKNVSSTNGSSDSYIFLEKDLSALDFIGVSFYQFSISWPRLFPDGIVTVANAKGLQYYSTLLDALVLRNIEP
IVTLYHWDLPLALQEKYGGWKNDTIIDIFNDYATYCFQMFGDRVKYWITIHNPYLVAWHGYGTGMHAPGEKGNLAAVYTV
GHNLIKAHSKVWHNYNTHFRPHQKGWLSITLGSHWIEPNRSENTMDIFKCQQSMVSVLGWFANPIHGDGDYPEGMRKKLF
SVLPIFSEAEKHEMRGTADFFAFSFGPNNFKPLNTMAKMGQNVSLNLREALNWIKLEYNNPRILIAENGWFTDSRVKTED
TTAIYMMKNFLSQVLQAIRLDEIRVFGYTAWSLLDGFEWQDAYTIRRGLFYVDFNSKQKERKPKSSAHYYKQIIRENGFS
LKESTPDVQGQFP
;
A
2 'polypeptide(L)'
;QVQLVESGGGLVQAGGSLRLSCAASQRTFSPYVGGWFRQAPGKEREFVAAISWSGGTKLYADSVKGRFTISRDNAKNTVY
LQMNTLKREDTAVYYCAARRINEVLTTAPDYDFWGQGTQVTVSSHHHHHHEPEA
;
B
#
# COMPACT_ATOMS: atom_id res chain seq x y z
N PHE A 24 2.30 25.79 3.50
CA PHE A 24 1.14 25.83 2.61
C PHE A 24 1.57 25.78 1.15
N SER A 25 0.62 25.47 0.28
CA SER A 25 0.88 25.31 -1.16
C SER A 25 1.64 26.51 -1.71
N GLY A 26 2.83 26.25 -2.27
CA GLY A 26 3.68 27.27 -2.85
C GLY A 26 4.80 27.77 -1.95
N ASP A 27 4.71 27.56 -0.62
CA ASP A 27 5.71 28.11 0.29
C ASP A 27 7.10 27.51 0.09
N GLY A 28 7.18 26.30 -0.49
CA GLY A 28 8.48 25.69 -0.72
C GLY A 28 9.37 26.45 -1.68
N ARG A 29 8.78 27.29 -2.53
CA ARG A 29 9.56 28.06 -3.49
C ARG A 29 10.64 28.90 -2.81
N ALA A 30 10.43 29.27 -1.55
CA ALA A 30 11.40 30.09 -0.82
C ALA A 30 12.75 29.40 -0.65
N ILE A 31 12.80 28.06 -0.75
CA ILE A 31 14.06 27.35 -0.49
C ILE A 31 15.13 27.74 -1.50
N TRP A 32 14.73 28.10 -2.72
CA TRP A 32 15.65 28.50 -3.77
C TRP A 32 16.04 29.97 -3.67
N SER A 33 15.94 30.56 -2.48
CA SER A 33 16.35 31.94 -2.19
C SER A 33 15.63 32.95 -3.08
N PHE A 47 31.70 17.98 8.31
CA PHE A 47 30.61 17.40 9.10
C PHE A 47 30.47 18.06 10.44
N LEU A 48 29.47 18.93 10.53
CA LEU A 48 29.26 19.73 11.73
C LEU A 48 28.65 18.93 12.87
N TYR A 49 28.01 17.79 12.55
CA TYR A 49 27.26 17.00 13.51
C TYR A 49 27.62 15.53 13.34
N ASP A 50 27.75 14.82 14.45
CA ASP A 50 27.98 13.38 14.43
C ASP A 50 26.76 12.59 14.85
N THR A 51 26.11 12.99 15.94
CA THR A 51 25.16 12.13 16.64
C THR A 51 23.73 12.60 16.40
N PHE A 52 22.85 11.65 16.12
CA PHE A 52 21.44 11.91 15.90
C PHE A 52 20.72 12.16 17.23
N PRO A 53 19.47 12.65 17.19
CA PRO A 53 18.71 12.80 18.43
C PRO A 53 18.64 11.50 19.21
N LYS A 54 18.56 11.62 20.54
CA LYS A 54 18.56 10.42 21.37
C LYS A 54 17.41 9.50 20.97
N ASN A 55 17.72 8.22 20.81
CA ASN A 55 16.73 7.19 20.49
C ASN A 55 16.04 7.44 19.13
N PHE A 56 16.76 8.07 18.20
CA PHE A 56 16.38 8.10 16.80
C PHE A 56 16.05 6.69 16.32
N PHE A 57 15.10 6.60 15.37
CA PHE A 57 14.46 5.34 14.95
C PHE A 57 15.13 4.84 13.67
N TRP A 58 16.01 3.85 13.80
CA TRP A 58 16.80 3.33 12.69
C TRP A 58 16.17 2.08 12.09
N GLY A 59 16.07 2.04 10.76
CA GLY A 59 15.46 0.88 10.12
C GLY A 59 16.01 0.52 8.76
N ILE A 60 15.31 -0.39 8.07
CA ILE A 60 15.75 -0.90 6.78
C ILE A 60 14.51 -1.50 6.12
N GLY A 61 14.50 -1.57 4.79
CA GLY A 61 13.29 -1.95 4.09
C GLY A 61 13.50 -2.86 2.91
N THR A 62 12.43 -3.56 2.55
CA THR A 62 12.32 -4.34 1.32
C THR A 62 10.92 -4.16 0.74
N GLY A 63 10.77 -4.57 -0.52
CA GLY A 63 9.46 -4.79 -1.12
C GLY A 63 9.29 -6.24 -1.55
N ALA A 64 8.04 -6.72 -1.53
CA ALA A 64 7.78 -8.14 -1.69
C ALA A 64 8.24 -8.65 -3.06
N LEU A 65 7.86 -7.97 -4.14
CA LEU A 65 8.25 -8.44 -5.46
C LEU A 65 9.77 -8.45 -5.61
N GLN A 66 10.45 -7.53 -4.95
CA GLN A 66 11.90 -7.49 -5.09
C GLN A 66 12.59 -8.70 -4.47
N VAL A 67 12.10 -9.18 -3.32
CA VAL A 67 12.87 -10.14 -2.53
C VAL A 67 12.22 -11.51 -2.37
N GLU A 68 10.90 -11.69 -2.54
CA GLU A 68 10.27 -12.91 -2.06
C GLU A 68 10.56 -14.13 -2.93
N GLY A 69 10.61 -13.98 -4.24
CA GLY A 69 10.65 -15.17 -5.08
C GLY A 69 9.32 -15.91 -4.95
N SER A 70 9.35 -17.19 -5.29
CA SER A 70 8.18 -18.07 -5.09
C SER A 70 6.89 -17.44 -5.63
N TRP A 71 6.93 -17.04 -6.90
CA TRP A 71 5.90 -16.18 -7.46
C TRP A 71 4.56 -16.90 -7.66
N LYS A 72 4.55 -18.24 -7.69
CA LYS A 72 3.25 -18.92 -7.69
C LYS A 72 3.25 -20.09 -6.71
N LYS A 73 4.12 -20.06 -5.71
CA LYS A 73 4.22 -21.14 -4.75
C LYS A 73 3.07 -21.09 -3.75
N ASP A 74 2.57 -22.28 -3.37
CA ASP A 74 1.57 -22.40 -2.31
C ASP A 74 0.29 -21.65 -2.65
N GLY A 75 -0.03 -21.57 -3.94
CA GLY A 75 -1.27 -20.98 -4.39
C GLY A 75 -1.24 -19.47 -4.57
N LYS A 76 -0.09 -18.82 -4.40
CA LYS A 76 -0.03 -17.39 -4.66
C LYS A 76 -0.52 -17.10 -6.07
N GLY A 77 -1.40 -16.09 -6.18
CA GLY A 77 -1.90 -15.67 -7.47
C GLY A 77 -0.89 -14.77 -8.18
N PRO A 78 -0.97 -14.68 -9.50
CA PRO A 78 -0.03 -13.82 -10.23
C PRO A 78 -0.34 -12.34 -10.05
N SER A 79 0.72 -11.52 -10.05
CA SER A 79 0.58 -10.07 -10.05
C SER A 79 0.78 -9.52 -11.45
N ILE A 80 0.50 -8.22 -11.60
CA ILE A 80 0.75 -7.60 -12.89
C ILE A 80 2.23 -7.61 -13.22
N TRP A 81 3.12 -7.68 -12.22
CA TRP A 81 4.54 -7.74 -12.53
C TRP A 81 4.96 -9.14 -12.97
N ASP A 82 4.33 -10.18 -12.44
CA ASP A 82 4.59 -11.52 -12.96
C ASP A 82 4.31 -11.56 -14.45
N HIS A 83 3.18 -10.99 -14.86
CA HIS A 83 2.81 -10.97 -16.28
C HIS A 83 3.72 -10.04 -17.07
N PHE A 84 4.03 -8.87 -16.51
CA PHE A 84 4.88 -7.90 -17.19
C PHE A 84 6.29 -8.44 -17.42
N ILE A 85 6.84 -9.16 -16.44
CA ILE A 85 8.19 -9.69 -16.58
C ILE A 85 8.24 -10.67 -17.74
N HIS A 86 7.19 -11.47 -17.90
CA HIS A 86 7.14 -12.43 -19.00
C HIS A 86 7.02 -11.72 -20.35
N THR A 87 6.20 -10.68 -20.43
CA THR A 87 5.90 -10.03 -21.69
C THR A 87 6.95 -8.99 -22.08
N HIS A 88 7.31 -8.09 -21.16
CA HIS A 88 8.15 -6.94 -21.50
C HIS A 88 9.61 -7.11 -21.13
N LEU A 89 9.96 -8.01 -20.23
CA LEU A 89 11.33 -8.11 -19.75
C LEU A 89 11.96 -9.42 -20.18
N LYS A 90 13.29 -9.42 -20.19
CA LYS A 90 14.08 -10.58 -20.62
C LYS A 90 15.50 -10.48 -20.09
N GLY A 97 13.89 -16.81 -8.77
CA GLY A 97 13.84 -16.91 -7.32
C GLY A 97 14.22 -15.63 -6.58
N SER A 98 15.11 -14.84 -7.19
CA SER A 98 15.57 -13.59 -6.61
C SER A 98 16.16 -13.92 -5.25
N SER A 99 15.88 -13.15 -4.21
CA SER A 99 16.42 -13.36 -2.88
C SER A 99 15.83 -14.57 -2.19
N ASP A 100 14.72 -15.12 -2.70
CA ASP A 100 14.06 -16.26 -2.08
C ASP A 100 13.71 -16.00 -0.62
N SER A 101 13.28 -14.77 -0.30
CA SER A 101 12.90 -14.48 1.09
C SER A 101 11.71 -15.32 1.56
N TYR A 102 10.85 -15.75 0.64
CA TYR A 102 9.69 -16.55 1.05
C TYR A 102 10.12 -17.86 1.70
N ILE A 103 11.21 -18.47 1.21
CA ILE A 103 11.66 -19.75 1.75
C ILE A 103 12.83 -19.61 2.73
N PHE A 104 13.40 -18.41 2.87
CA PHE A 104 14.57 -18.20 3.73
C PHE A 104 14.31 -17.18 4.82
N LEU A 105 13.15 -17.25 5.47
CA LEU A 105 12.81 -16.27 6.52
C LEU A 105 13.90 -16.15 7.57
N GLU A 106 14.40 -17.29 8.08
CA GLU A 106 15.41 -17.25 9.14
C GLU A 106 16.67 -16.52 8.69
N LYS A 107 16.99 -16.57 7.39
CA LYS A 107 18.18 -15.86 6.92
C LYS A 107 17.98 -14.35 6.91
N ASP A 108 16.76 -13.90 6.56
CA ASP A 108 16.48 -12.47 6.63
C ASP A 108 16.52 -11.99 8.07
N LEU A 109 15.97 -12.78 8.99
CA LEU A 109 15.96 -12.40 10.39
C LEU A 109 17.39 -12.27 10.93
N SER A 110 18.27 -13.19 10.54
CA SER A 110 19.66 -13.11 10.97
C SER A 110 20.34 -11.85 10.44
N ALA A 111 20.03 -11.47 9.20
CA ALA A 111 20.58 -10.22 8.66
C ALA A 111 20.07 -9.02 9.45
N LEU A 112 18.78 -9.00 9.79
CA LEU A 112 18.25 -7.91 10.61
C LEU A 112 18.92 -7.85 11.97
N ASP A 113 19.14 -9.01 12.59
CA ASP A 113 19.82 -9.04 13.88
C ASP A 113 21.25 -8.51 13.78
N PHE A 114 21.94 -8.84 12.68
CA PHE A 114 23.31 -8.36 12.51
C PHE A 114 23.36 -6.84 12.47
N ILE A 115 22.44 -6.21 11.72
CA ILE A 115 22.40 -4.74 11.61
C ILE A 115 21.98 -4.09 12.91
N GLY A 116 21.08 -4.73 13.64
CA GLY A 116 20.56 -4.14 14.87
C GLY A 116 19.50 -3.07 14.68
N VAL A 117 18.69 -3.16 13.61
CA VAL A 117 17.66 -2.15 13.36
C VAL A 117 16.61 -2.16 14.46
N SER A 118 15.98 -1.01 14.66
CA SER A 118 14.80 -0.89 15.52
C SER A 118 13.50 -1.14 14.76
N PHE A 119 13.51 -1.05 13.44
CA PHE A 119 12.31 -1.39 12.70
C PHE A 119 12.69 -2.03 11.36
N TYR A 120 11.75 -2.79 10.81
CA TYR A 120 11.88 -3.43 9.50
C TYR A 120 10.64 -3.08 8.70
N GLN A 121 10.85 -2.37 7.59
CA GLN A 121 9.77 -2.13 6.64
C GLN A 121 9.74 -3.22 5.58
N PHE A 122 8.59 -3.86 5.40
CA PHE A 122 8.42 -4.84 4.34
C PHE A 122 7.01 -4.69 3.79
N SER A 123 6.76 -5.28 2.64
CA SER A 123 5.40 -5.21 2.11
C SER A 123 4.78 -6.60 2.04
N ILE A 124 3.45 -6.60 2.11
CA ILE A 124 2.67 -7.80 1.93
C ILE A 124 2.32 -7.90 0.45
N SER A 125 2.57 -9.06 -0.16
CA SER A 125 2.11 -9.31 -1.51
C SER A 125 0.62 -9.60 -1.48
N TRP A 126 -0.19 -8.65 -1.94
CA TRP A 126 -1.63 -8.84 -2.01
C TRP A 126 -2.02 -10.15 -2.67
N PRO A 127 -1.51 -10.52 -3.85
CA PRO A 127 -1.94 -11.80 -4.46
C PRO A 127 -1.34 -13.03 -3.78
N ARG A 128 -0.35 -12.89 -2.90
CA ARG A 128 0.03 -14.03 -2.07
C ARG A 128 -1.01 -14.29 -0.98
N LEU A 129 -1.63 -13.23 -0.47
CA LEU A 129 -2.65 -13.40 0.55
C LEU A 129 -4.03 -13.66 -0.05
N PHE A 130 -4.41 -12.92 -1.09
CA PHE A 130 -5.72 -13.07 -1.73
C PHE A 130 -5.43 -13.24 -3.22
N PRO A 131 -5.32 -14.48 -3.68
CA PRO A 131 -4.79 -14.72 -5.03
C PRO A 131 -5.58 -14.07 -6.15
N ASP A 132 -6.88 -13.82 -5.95
CA ASP A 132 -7.70 -13.13 -6.93
C ASP A 132 -8.01 -11.69 -6.52
N GLY A 133 -7.34 -11.18 -5.50
CA GLY A 133 -7.50 -9.78 -5.07
C GLY A 133 -8.73 -9.58 -4.18
N ILE A 134 -9.87 -10.13 -4.58
CA ILE A 134 -11.04 -10.09 -3.73
C ILE A 134 -10.80 -10.92 -2.47
N VAL A 135 -11.51 -10.57 -1.38
CA VAL A 135 -11.25 -11.20 -0.10
C VAL A 135 -12.13 -12.43 0.09
N THR A 136 -12.10 -13.34 -0.89
CA THR A 136 -12.55 -14.71 -0.66
C THR A 136 -11.47 -15.40 0.19
N VAL A 137 -11.55 -16.74 0.31
CA VAL A 137 -10.74 -17.45 1.30
C VAL A 137 -9.27 -17.10 1.17
N ALA A 138 -8.66 -16.72 2.28
CA ALA A 138 -7.27 -16.31 2.27
C ALA A 138 -6.38 -17.51 1.99
N ASN A 139 -5.27 -17.27 1.31
CA ASN A 139 -4.26 -18.29 1.08
C ASN A 139 -3.54 -18.60 2.38
N ALA A 140 -3.80 -19.78 2.94
CA ALA A 140 -3.36 -20.07 4.31
C ALA A 140 -1.84 -20.04 4.44
N LYS A 141 -1.11 -20.53 3.42
CA LYS A 141 0.34 -20.49 3.50
C LYS A 141 0.86 -19.06 3.37
N GLY A 142 0.19 -18.25 2.56
CA GLY A 142 0.54 -16.83 2.51
C GLY A 142 0.32 -16.14 3.84
N LEU A 143 -0.83 -16.40 4.48
CA LEU A 143 -1.09 -15.85 5.81
C LEU A 143 -0.03 -16.32 6.81
N GLN A 144 0.30 -17.61 6.78
CA GLN A 144 1.30 -18.15 7.70
C GLN A 144 2.66 -17.47 7.54
N TYR A 145 3.06 -17.19 6.29
CA TYR A 145 4.35 -16.56 6.08
C TYR A 145 4.40 -15.18 6.74
N TYR A 146 3.43 -14.31 6.44
CA TYR A 146 3.47 -12.97 7.02
C TYR A 146 3.26 -13.00 8.51
N SER A 147 2.43 -13.92 9.01
CA SER A 147 2.22 -14.01 10.46
C SER A 147 3.48 -14.46 11.18
N THR A 148 4.21 -15.42 10.59
CA THR A 148 5.44 -15.91 11.20
C THR A 148 6.52 -14.83 11.17
N LEU A 149 6.59 -14.08 10.07
CA LEU A 149 7.54 -12.97 10.03
C LEU A 149 7.24 -11.94 11.11
N LEU A 150 5.98 -11.53 11.23
CA LEU A 150 5.60 -10.56 12.25
C LEU A 150 5.88 -11.08 13.66
N ASP A 151 5.55 -12.36 13.92
CA ASP A 151 5.86 -12.95 15.21
C ASP A 151 7.34 -12.86 15.51
N ALA A 152 8.18 -13.14 14.50
CA ALA A 152 9.62 -13.14 14.70
C ALA A 152 10.15 -11.74 15.00
N LEU A 153 9.56 -10.73 14.35
CA LEU A 153 9.95 -9.34 14.62
C LEU A 153 9.52 -8.93 16.03
N VAL A 154 8.28 -9.24 16.40
CA VAL A 154 7.77 -8.89 17.72
C VAL A 154 8.63 -9.54 18.80
N LEU A 155 8.99 -10.81 18.58
CA LEU A 155 9.87 -11.52 19.50
C LEU A 155 11.20 -10.78 19.70
N ARG A 156 11.70 -10.15 18.65
CA ARG A 156 12.97 -9.42 18.69
C ARG A 156 12.81 -7.97 19.12
N ASN A 157 11.58 -7.52 19.39
CA ASN A 157 11.30 -6.12 19.67
C ASN A 157 11.79 -5.22 18.52
N ILE A 158 11.64 -5.73 17.30
CA ILE A 158 11.81 -4.93 16.09
C ILE A 158 10.42 -4.52 15.64
N GLU A 159 10.21 -3.21 15.44
CA GLU A 159 8.89 -2.74 15.04
C GLU A 159 8.66 -3.04 13.56
N PRO A 160 7.57 -3.72 13.21
CA PRO A 160 7.23 -3.84 11.79
C PRO A 160 6.68 -2.51 11.26
N ILE A 161 7.07 -2.16 10.04
CA ILE A 161 6.38 -1.13 9.28
C ILE A 161 5.89 -1.83 8.03
N VAL A 162 4.57 -1.98 7.89
CA VAL A 162 4.02 -2.85 6.85
C VAL A 162 3.39 -2.01 5.75
N THR A 163 3.84 -2.24 4.52
CA THR A 163 3.33 -1.59 3.33
C THR A 163 2.33 -2.51 2.66
N LEU A 164 1.10 -2.03 2.47
CA LEU A 164 0.07 -2.87 1.89
C LEU A 164 0.28 -3.08 0.39
N TYR A 165 0.78 -2.07 -0.33
CA TYR A 165 0.82 -2.15 -1.79
C TYR A 165 2.16 -1.64 -2.28
N HIS A 166 3.00 -2.54 -2.77
CA HIS A 166 4.27 -2.13 -3.37
C HIS A 166 4.30 -2.64 -4.80
N TRP A 167 3.29 -2.23 -5.60
CA TRP A 167 3.22 -2.29 -7.06
C TRP A 167 2.71 -3.63 -7.59
N ASP A 168 2.45 -4.62 -6.73
CA ASP A 168 2.14 -5.98 -7.18
C ASP A 168 0.63 -6.26 -7.16
N LEU A 169 -0.10 -5.49 -7.96
CA LEU A 169 -1.56 -5.67 -8.06
C LEU A 169 -1.89 -7.08 -8.53
N PRO A 170 -2.84 -7.76 -7.89
CA PRO A 170 -3.29 -9.06 -8.42
C PRO A 170 -3.71 -8.93 -9.88
N LEU A 171 -3.18 -9.81 -10.74
CA LEU A 171 -3.50 -9.76 -12.16
C LEU A 171 -4.99 -9.87 -12.40
N ALA A 172 -5.72 -10.58 -11.53
CA ALA A 172 -7.16 -10.73 -11.72
C ALA A 172 -7.86 -9.38 -11.71
N LEU A 173 -7.39 -8.46 -10.86
CA LEU A 173 -8.00 -7.12 -10.81
C LEU A 173 -7.65 -6.30 -12.05
N GLN A 174 -6.45 -6.47 -12.60
CA GLN A 174 -6.10 -5.74 -13.81
C GLN A 174 -6.93 -6.23 -14.99
N GLU A 175 -7.04 -7.54 -15.12
CA GLU A 175 -7.77 -8.12 -16.25
C GLU A 175 -9.26 -7.82 -16.17
N LYS A 176 -9.86 -7.94 -14.99
CA LYS A 176 -11.30 -7.77 -14.86
C LYS A 176 -11.72 -6.29 -14.92
N TYR A 177 -10.99 -5.40 -14.24
CA TYR A 177 -11.42 -4.01 -14.08
C TYR A 177 -10.51 -2.98 -14.77
N GLY A 178 -9.33 -3.35 -15.22
CA GLY A 178 -8.36 -2.33 -15.56
C GLY A 178 -7.61 -1.80 -14.37
N GLY A 179 -7.63 -2.52 -13.26
CA GLY A 179 -6.79 -2.18 -12.13
C GLY A 179 -7.11 -0.81 -11.57
N TRP A 180 -6.05 -0.03 -11.34
CA TRP A 180 -6.23 1.30 -10.75
C TRP A 180 -6.94 2.28 -11.67
N LYS A 181 -7.16 1.93 -12.94
CA LYS A 181 -7.97 2.77 -13.81
C LYS A 181 -9.43 2.78 -13.40
N ASN A 182 -9.85 1.81 -12.58
CA ASN A 182 -11.25 1.57 -12.27
C ASN A 182 -11.55 1.95 -10.83
N ASP A 183 -12.55 2.79 -10.62
CA ASP A 183 -12.75 3.20 -9.24
C ASP A 183 -13.37 2.09 -8.38
N THR A 184 -13.75 0.95 -8.96
CA THR A 184 -14.09 -0.21 -8.13
C THR A 184 -12.92 -0.65 -7.27
N ILE A 185 -11.69 -0.28 -7.65
CA ILE A 185 -10.50 -0.67 -6.90
C ILE A 185 -10.50 -0.09 -5.49
N ILE A 186 -11.20 1.03 -5.28
CA ILE A 186 -11.14 1.68 -3.97
C ILE A 186 -11.72 0.75 -2.90
N ASP A 187 -12.92 0.23 -3.13
CA ASP A 187 -13.51 -0.69 -2.16
C ASP A 187 -12.73 -1.99 -2.06
N ILE A 188 -12.24 -2.51 -3.19
CA ILE A 188 -11.50 -3.77 -3.18
C ILE A 188 -10.20 -3.62 -2.39
N PHE A 189 -9.51 -2.50 -2.59
CA PHE A 189 -8.31 -2.24 -1.79
C PHE A 189 -8.65 -2.08 -0.31
N ASN A 190 -9.73 -1.36 0.00
CA ASN A 190 -10.08 -1.16 1.40
C ASN A 190 -10.44 -2.49 2.09
N ASP A 191 -11.08 -3.40 1.36
CA ASP A 191 -11.37 -4.73 1.91
C ASP A 191 -10.10 -5.47 2.27
N TYR A 192 -9.10 -5.44 1.38
CA TYR A 192 -7.80 -6.04 1.65
C TYR A 192 -7.14 -5.38 2.86
N ALA A 193 -7.16 -4.04 2.92
CA ALA A 193 -6.60 -3.35 4.07
C ALA A 193 -7.31 -3.76 5.36
N THR A 194 -8.64 -3.89 5.30
CA THR A 194 -9.40 -4.23 6.50
C THR A 194 -8.93 -5.57 7.07
N TYR A 195 -8.81 -6.59 6.21
CA TYR A 195 -8.35 -7.89 6.68
C TYR A 195 -6.96 -7.80 7.30
N CYS A 196 -6.06 -7.03 6.67
CA CYS A 196 -4.71 -6.87 7.21
C CYS A 196 -4.73 -6.21 8.57
N PHE A 197 -5.56 -5.18 8.75
CA PHE A 197 -5.64 -4.53 10.05
C PHE A 197 -6.13 -5.52 11.11
N GLN A 198 -7.13 -6.32 10.77
CA GLN A 198 -7.67 -7.28 11.73
C GLN A 198 -6.67 -8.38 12.08
N MET A 199 -5.96 -8.91 11.07
CA MET A 199 -5.09 -10.05 11.35
C MET A 199 -3.77 -9.63 11.96
N PHE A 200 -3.27 -8.44 11.61
CA PHE A 200 -1.89 -8.07 11.90
C PHE A 200 -1.75 -6.84 12.79
N GLY A 201 -2.82 -6.06 13.00
CA GLY A 201 -2.72 -4.75 13.62
C GLY A 201 -2.43 -4.77 15.10
N ASP A 202 -2.60 -5.90 15.77
CA ASP A 202 -2.15 -5.95 17.15
C ASP A 202 -0.62 -6.02 17.24
N ARG A 203 0.04 -6.47 16.18
CA ARG A 203 1.50 -6.53 16.11
C ARG A 203 2.11 -5.39 15.30
N VAL A 204 1.33 -4.76 14.41
CA VAL A 204 1.83 -3.72 13.52
C VAL A 204 1.32 -2.38 14.00
N LYS A 205 2.24 -1.45 14.27
CA LYS A 205 1.88 -0.11 14.72
C LYS A 205 2.21 0.97 13.69
N TYR A 206 2.85 0.61 12.58
CA TYR A 206 3.14 1.54 11.49
C TYR A 206 2.68 0.93 10.19
N TRP A 207 1.77 1.61 9.50
CA TRP A 207 1.21 1.14 8.24
C TRP A 207 1.53 2.12 7.12
N ILE A 208 1.82 1.59 5.94
CA ILE A 208 1.91 2.36 4.71
C ILE A 208 0.91 1.76 3.72
N THR A 209 0.03 2.59 3.16
CA THR A 209 -0.92 2.07 2.17
C THR A 209 -0.20 1.73 0.86
N ILE A 210 0.40 2.74 0.22
CA ILE A 210 0.93 2.61 -1.13
C ILE A 210 2.37 3.11 -1.14
N HIS A 211 3.25 2.33 -1.75
CA HIS A 211 4.63 2.76 -1.93
C HIS A 211 4.78 3.51 -3.24
N ASN A 212 5.12 4.82 -3.15
CA ASN A 212 5.42 5.67 -4.31
C ASN A 212 4.33 5.63 -5.38
N PRO A 213 3.13 6.13 -5.07
CA PRO A 213 2.06 6.15 -6.08
C PRO A 213 2.41 6.92 -7.34
N TYR A 214 3.32 7.90 -7.27
CA TYR A 214 3.75 8.62 -8.47
C TYR A 214 4.25 7.65 -9.54
N LEU A 215 5.08 6.67 -9.15
CA LEU A 215 5.64 5.77 -10.16
C LEU A 215 4.60 4.76 -10.63
N VAL A 216 3.71 4.33 -9.73
CA VAL A 216 2.60 3.45 -10.15
C VAL A 216 1.82 4.06 -11.30
N ALA A 217 1.46 5.34 -11.18
CA ALA A 217 0.71 6.02 -12.22
C ALA A 217 1.60 6.38 -13.40
N TRP A 218 2.75 6.99 -13.14
CA TRP A 218 3.52 7.60 -14.21
C TRP A 218 4.23 6.55 -15.07
N HIS A 219 4.89 5.58 -14.44
CA HIS A 219 5.53 4.54 -15.24
C HIS A 219 4.56 3.44 -15.65
N GLY A 220 3.54 3.17 -14.84
CA GLY A 220 2.58 2.14 -15.18
C GLY A 220 1.72 2.50 -16.37
N TYR A 221 1.49 3.79 -16.59
CA TYR A 221 0.50 4.24 -17.58
C TYR A 221 0.95 5.38 -18.47
N GLY A 222 2.00 6.12 -18.11
CA GLY A 222 2.53 7.19 -18.94
C GLY A 222 3.68 6.74 -19.81
N THR A 223 4.76 6.28 -19.18
CA THR A 223 5.93 5.82 -19.92
C THR A 223 5.82 4.37 -20.36
N GLY A 224 5.02 3.56 -19.67
CA GLY A 224 5.00 2.14 -19.93
C GLY A 224 6.16 1.36 -19.36
N MET A 225 7.04 1.99 -18.58
CA MET A 225 8.22 1.30 -18.09
C MET A 225 7.92 0.33 -16.95
N HIS A 226 6.81 0.50 -16.26
CA HIS A 226 6.41 -0.39 -15.18
C HIS A 226 5.11 -1.08 -15.57
N ALA A 227 4.85 -2.22 -14.94
CA ALA A 227 3.55 -2.88 -15.09
C ALA A 227 2.42 -1.89 -14.76
N PRO A 228 1.31 -1.95 -15.50
CA PRO A 228 0.99 -2.93 -16.56
C PRO A 228 1.52 -2.56 -17.94
N GLY A 229 2.33 -1.51 -18.02
CA GLY A 229 3.02 -1.19 -19.26
C GLY A 229 2.21 -0.44 -20.29
N GLU A 230 1.23 0.37 -19.87
CA GLU A 230 0.49 1.19 -20.83
C GLU A 230 1.26 2.48 -21.09
N LYS A 231 1.21 2.93 -22.36
CA LYS A 231 1.97 4.07 -22.84
C LYS A 231 1.03 5.18 -23.28
N GLY A 232 1.52 6.42 -23.21
CA GLY A 232 0.66 7.54 -23.52
C GLY A 232 -0.48 7.58 -22.53
N ASN A 233 -1.71 7.60 -23.03
CA ASN A 233 -2.93 7.59 -22.22
C ASN A 233 -2.75 8.43 -20.97
N LEU A 234 -2.59 9.73 -21.19
CA LEU A 234 -2.39 10.64 -20.07
C LEU A 234 -3.63 10.73 -19.19
N ALA A 235 -4.81 10.58 -19.77
CA ALA A 235 -6.03 10.52 -18.98
C ALA A 235 -5.98 9.38 -17.97
N ALA A 236 -5.44 8.22 -18.39
CA ALA A 236 -5.32 7.09 -17.48
C ALA A 236 -4.30 7.37 -16.38
N VAL A 237 -3.20 8.07 -16.70
CA VAL A 237 -2.21 8.42 -15.68
C VAL A 237 -2.88 9.14 -14.52
N TYR A 238 -3.69 10.14 -14.82
CA TYR A 238 -4.26 10.93 -13.75
C TYR A 238 -5.52 10.30 -13.16
N THR A 239 -6.25 9.46 -13.91
CA THR A 239 -7.30 8.66 -13.31
C THR A 239 -6.72 7.67 -12.30
N VAL A 240 -5.60 7.04 -12.66
CA VAL A 240 -4.93 6.12 -11.75
C VAL A 240 -4.47 6.84 -10.48
N GLY A 241 -3.84 8.01 -10.65
CA GLY A 241 -3.42 8.77 -9.49
C GLY A 241 -4.59 9.15 -8.60
N HIS A 242 -5.72 9.52 -9.22
CA HIS A 242 -6.92 9.86 -8.48
C HIS A 242 -7.44 8.68 -7.67
N ASN A 243 -7.48 7.48 -8.26
CA ASN A 243 -7.97 6.33 -7.51
C ASN A 243 -6.99 5.89 -6.43
N LEU A 244 -5.68 6.06 -6.64
CA LEU A 244 -4.72 5.76 -5.58
C LEU A 244 -4.97 6.66 -4.37
N ILE A 245 -5.16 7.96 -4.62
CA ILE A 245 -5.40 8.90 -3.52
C ILE A 245 -6.70 8.57 -2.82
N LYS A 246 -7.77 8.31 -3.58
CA LYS A 246 -9.06 8.02 -2.96
C LYS A 246 -9.03 6.70 -2.20
N ALA A 247 -8.34 5.69 -2.75
CA ALA A 247 -8.17 4.43 -2.02
C ALA A 247 -7.37 4.65 -0.73
N HIS A 248 -6.32 5.45 -0.80
CA HIS A 248 -5.56 5.74 0.41
C HIS A 248 -6.43 6.40 1.46
N SER A 249 -7.20 7.43 1.06
CA SER A 249 -8.06 8.16 1.99
C SER A 249 -9.07 7.23 2.64
N LYS A 250 -9.74 6.40 1.84
CA LYS A 250 -10.71 5.47 2.40
C LYS A 250 -10.06 4.57 3.45
N VAL A 251 -8.83 4.10 3.19
CA VAL A 251 -8.16 3.21 4.13
C VAL A 251 -7.76 3.95 5.40
N TRP A 252 -7.28 5.20 5.27
CA TRP A 252 -6.96 5.97 6.46
C TRP A 252 -8.20 6.16 7.33
N HIS A 253 -9.33 6.48 6.72
CA HIS A 253 -10.54 6.70 7.51
C HIS A 253 -11.01 5.41 8.15
N ASN A 254 -10.88 4.29 7.43
CA ASN A 254 -11.13 2.97 7.99
C ASN A 254 -10.26 2.74 9.22
N TYR A 255 -8.94 2.93 9.07
CA TYR A 255 -8.05 2.71 10.19
C TYR A 255 -8.39 3.63 11.35
N ASN A 256 -8.57 4.92 11.06
CA ASN A 256 -8.82 5.93 12.08
C ASN A 256 -10.08 5.61 12.89
N THR A 257 -11.11 5.11 12.23
CA THR A 257 -12.41 4.86 12.87
C THR A 257 -12.48 3.52 13.56
N HIS A 258 -11.99 2.47 12.92
CA HIS A 258 -12.28 1.11 13.34
C HIS A 258 -11.12 0.41 14.06
N PHE A 259 -9.88 0.88 13.88
CA PHE A 259 -8.74 0.13 14.42
C PHE A 259 -7.83 0.95 15.32
N ARG A 260 -7.60 2.22 15.02
CA ARG A 260 -6.75 3.02 15.89
C ARG A 260 -7.20 3.01 17.35
N PRO A 261 -8.50 3.09 17.69
CA PRO A 261 -8.87 3.13 19.12
C PRO A 261 -8.29 1.99 19.94
N HIS A 262 -8.27 0.77 19.42
CA HIS A 262 -7.66 -0.31 20.20
C HIS A 262 -6.22 -0.60 19.82
N GLN A 263 -5.84 -0.41 18.56
CA GLN A 263 -4.49 -0.81 18.15
C GLN A 263 -3.46 0.29 18.33
N LYS A 264 -3.87 1.56 18.32
CA LYS A 264 -3.01 2.68 18.70
C LYS A 264 -1.76 2.79 17.82
N GLY A 265 -1.94 2.58 16.52
CA GLY A 265 -0.87 2.73 15.57
C GLY A 265 -1.04 3.94 14.67
N TRP A 266 -0.18 4.01 13.66
CA TRP A 266 -0.07 5.14 12.75
C TRP A 266 -0.10 4.65 11.32
N LEU A 267 -0.66 5.47 10.43
CA LEU A 267 -0.79 5.07 9.03
C LEU A 267 -0.42 6.24 8.12
N SER A 268 0.33 5.95 7.07
CA SER A 268 0.69 6.98 6.09
C SER A 268 0.76 6.35 4.70
N ILE A 269 1.42 7.06 3.79
CA ILE A 269 1.61 6.67 2.40
C ILE A 269 3.00 7.16 2.03
N THR A 270 3.76 6.34 1.30
CA THR A 270 5.15 6.73 0.99
C THR A 270 5.17 7.49 -0.33
N LEU A 271 5.54 8.76 -0.29
CA LEU A 271 5.58 9.60 -1.47
C LEU A 271 7.04 9.85 -1.85
N GLY A 272 7.38 9.60 -3.11
CA GLY A 272 8.73 9.78 -3.59
C GLY A 272 8.89 11.07 -4.37
N SER A 273 10.12 11.59 -4.40
CA SER A 273 10.43 12.71 -5.28
C SER A 273 11.92 12.70 -5.61
N HIS A 274 12.26 13.45 -6.64
CA HIS A 274 13.61 13.92 -6.91
C HIS A 274 13.85 15.22 -6.14
N TRP A 275 15.03 15.81 -6.33
CA TRP A 275 15.21 17.22 -6.00
C TRP A 275 15.79 17.92 -7.21
N ILE A 276 15.74 19.25 -7.20
CA ILE A 276 16.06 20.03 -8.39
C ILE A 276 16.51 21.42 -7.94
N GLU A 277 17.35 22.05 -8.76
CA GLU A 277 17.92 23.36 -8.44
C GLU A 277 17.96 24.21 -9.71
N PRO A 278 17.82 25.53 -9.57
CA PRO A 278 17.76 26.38 -10.77
C PRO A 278 19.13 26.51 -11.40
N ASN A 279 19.15 26.55 -12.74
CA ASN A 279 20.40 26.77 -13.44
C ASN A 279 20.97 28.14 -13.15
N ARG A 280 20.09 29.14 -13.02
CA ARG A 280 20.50 30.51 -12.79
C ARG A 280 19.87 30.94 -11.47
N SER A 281 20.73 31.13 -10.44
CA SER A 281 20.22 31.27 -9.08
C SER A 281 19.31 32.48 -8.92
N GLU A 282 19.56 33.57 -9.64
CA GLU A 282 18.76 34.77 -9.49
C GLU A 282 17.54 34.77 -10.40
N ASN A 283 17.36 33.73 -11.20
CA ASN A 283 16.36 33.73 -12.27
C ASN A 283 15.04 33.24 -11.70
N THR A 284 14.05 34.14 -11.66
CA THR A 284 12.77 33.78 -11.08
C THR A 284 11.99 32.81 -11.95
N MET A 285 12.27 32.76 -13.26
CA MET A 285 11.64 31.77 -14.12
C MET A 285 12.22 30.38 -13.88
N ASP A 286 13.53 30.27 -13.68
CA ASP A 286 14.14 28.98 -13.33
C ASP A 286 13.60 28.49 -11.99
N ILE A 287 13.48 29.40 -11.01
CA ILE A 287 12.95 29.02 -9.70
C ILE A 287 11.50 28.56 -9.84
N PHE A 288 10.71 29.28 -10.63
CA PHE A 288 9.32 28.88 -10.87
C PHE A 288 9.26 27.49 -11.48
N LYS A 289 10.14 27.20 -12.42
CA LYS A 289 10.15 25.88 -13.05
C LYS A 289 10.58 24.80 -12.05
N CYS A 290 11.51 25.13 -11.14
CA CYS A 290 11.87 24.18 -10.10
C CYS A 290 10.66 23.84 -9.24
N GLN A 291 9.93 24.87 -8.82
CA GLN A 291 8.71 24.65 -8.06
C GLN A 291 7.73 23.78 -8.83
N GLN A 292 7.53 24.07 -10.12
CA GLN A 292 6.59 23.27 -10.92
C GLN A 292 7.05 21.82 -11.01
N SER A 293 8.36 21.60 -11.09
CA SER A 293 8.89 20.24 -11.15
C SER A 293 8.57 19.48 -9.87
N MET A 294 8.79 20.10 -8.71
CA MET A 294 8.48 19.42 -7.46
C MET A 294 6.98 19.23 -7.29
N VAL A 295 6.19 20.23 -7.71
CA VAL A 295 4.75 20.12 -7.63
C VAL A 295 4.25 18.96 -8.48
N SER A 296 4.87 18.75 -9.65
CA SER A 296 4.40 17.76 -10.62
C SER A 296 4.60 16.32 -10.12
N VAL A 297 5.57 16.10 -9.25
CA VAL A 297 5.90 14.77 -8.76
C VAL A 297 5.38 14.54 -7.34
N LEU A 298 5.74 15.44 -6.43
CA LEU A 298 5.40 15.32 -5.02
C LEU A 298 4.09 16.02 -4.68
N GLY A 299 3.89 17.26 -5.17
CA GLY A 299 2.68 17.98 -4.84
C GLY A 299 1.42 17.34 -5.37
N TRP A 300 1.52 16.69 -6.54
CA TRP A 300 0.42 15.92 -7.11
C TRP A 300 -0.27 15.05 -6.06
N PHE A 301 0.52 14.31 -5.28
CA PHE A 301 -0.05 13.43 -4.25
C PHE A 301 -0.07 14.05 -2.87
N ALA A 302 0.89 14.92 -2.54
CA ALA A 302 0.96 15.43 -1.17
C ALA A 302 -0.02 16.57 -0.91
N ASN A 303 -0.37 17.38 -1.92
CA ASN A 303 -1.34 18.44 -1.68
C ASN A 303 -2.70 17.91 -1.26
N PRO A 304 -3.26 16.88 -1.90
CA PRO A 304 -4.53 16.35 -1.41
C PRO A 304 -4.43 15.70 -0.04
N ILE A 305 -3.34 14.99 0.25
CA ILE A 305 -3.27 14.17 1.46
C ILE A 305 -2.70 14.95 2.65
N HIS A 306 -1.65 15.75 2.42
CA HIS A 306 -0.98 16.50 3.47
C HIS A 306 -1.27 17.99 3.42
N GLY A 307 -1.96 18.46 2.38
CA GLY A 307 -2.17 19.89 2.16
C GLY A 307 -3.62 20.28 2.36
N ASP A 308 -4.22 20.99 1.40
CA ASP A 308 -5.59 21.47 1.55
C ASP A 308 -6.65 20.50 1.04
N GLY A 309 -6.26 19.30 0.59
CA GLY A 309 -7.24 18.33 0.14
C GLY A 309 -7.53 18.36 -1.35
N ASP A 310 -6.88 19.24 -2.11
CA ASP A 310 -7.09 19.38 -3.54
C ASP A 310 -5.76 19.26 -4.26
N TYR A 311 -5.82 19.00 -5.57
CA TYR A 311 -4.59 18.99 -6.36
C TYR A 311 -3.97 20.38 -6.38
N PRO A 312 -2.67 20.48 -6.67
CA PRO A 312 -2.04 21.80 -6.78
C PRO A 312 -2.74 22.66 -7.83
N GLU A 313 -2.93 23.94 -7.50
CA GLU A 313 -3.73 24.81 -8.35
C GLU A 313 -3.22 24.84 -9.78
N GLY A 314 -1.90 24.92 -9.95
CA GLY A 314 -1.33 24.95 -11.29
C GLY A 314 -1.64 23.70 -12.09
N MET A 315 -1.65 22.55 -11.44
CA MET A 315 -2.03 21.32 -12.13
C MET A 315 -3.51 21.37 -12.53
N ARG A 316 -4.36 21.91 -11.67
CA ARG A 316 -5.80 21.88 -11.94
C ARG A 316 -6.16 22.68 -13.19
N LYS A 317 -5.33 23.63 -13.59
CA LYS A 317 -5.60 24.48 -14.74
C LYS A 317 -5.00 23.91 -16.03
N LYS A 318 -3.69 23.69 -16.05
CA LYS A 318 -3.03 23.18 -17.25
C LYS A 318 -3.48 21.77 -17.58
N LEU A 319 -3.76 20.94 -16.57
CA LEU A 319 -4.19 19.56 -16.77
C LEU A 319 -5.71 19.41 -16.67
N PHE A 320 -6.44 20.49 -16.94
CA PHE A 320 -7.89 20.47 -16.73
C PHE A 320 -8.59 19.37 -17.52
N SER A 321 -8.12 19.08 -18.74
CA SER A 321 -8.83 18.09 -19.56
C SER A 321 -8.57 16.65 -19.13
N VAL A 322 -7.56 16.40 -18.29
CA VAL A 322 -7.25 15.03 -17.88
C VAL A 322 -7.29 14.83 -16.36
N LEU A 323 -7.20 15.87 -15.56
CA LEU A 323 -7.11 15.71 -14.11
C LEU A 323 -8.51 15.61 -13.51
N PRO A 324 -8.87 14.50 -12.86
CA PRO A 324 -10.20 14.40 -12.26
C PRO A 324 -10.41 15.47 -11.20
N ILE A 325 -11.67 15.82 -10.96
CA ILE A 325 -12.03 16.90 -10.05
C ILE A 325 -12.50 16.30 -8.74
N PHE A 326 -11.89 16.74 -7.62
CA PHE A 326 -12.41 16.39 -6.31
C PHE A 326 -13.65 17.21 -6.02
N SER A 327 -14.74 16.54 -5.63
CA SER A 327 -15.89 17.28 -5.12
C SER A 327 -15.50 17.99 -3.83
N GLU A 328 -16.36 18.92 -3.39
CA GLU A 328 -16.09 19.63 -2.15
C GLU A 328 -16.11 18.69 -0.95
N ALA A 329 -17.00 17.70 -0.97
CA ALA A 329 -17.01 16.69 0.10
C ALA A 329 -15.72 15.86 0.07
N GLU A 330 -15.22 15.53 -1.12
CA GLU A 330 -14.03 14.68 -1.22
C GLU A 330 -12.79 15.40 -0.69
N LYS A 331 -12.66 16.71 -0.97
CA LYS A 331 -11.50 17.45 -0.46
C LYS A 331 -11.41 17.36 1.05
N HIS A 332 -12.55 17.45 1.75
CA HIS A 332 -12.54 17.33 3.20
C HIS A 332 -12.13 15.93 3.65
N GLU A 333 -12.41 14.92 2.83
CA GLU A 333 -12.04 13.55 3.18
C GLU A 333 -10.62 13.18 2.75
N MET A 334 -10.05 13.86 1.75
CA MET A 334 -8.66 13.58 1.38
C MET A 334 -7.67 14.21 2.37
N ARG A 335 -7.96 15.43 2.84
CA ARG A 335 -6.97 16.14 3.63
C ARG A 335 -6.78 15.47 5.00
N GLY A 336 -5.56 15.54 5.50
CA GLY A 336 -5.26 15.02 6.82
C GLY A 336 -5.31 13.51 6.95
N THR A 337 -5.18 12.78 5.85
CA THR A 337 -5.20 11.32 5.91
C THR A 337 -3.82 10.71 6.03
N ALA A 338 -2.95 11.26 6.87
CA ALA A 338 -1.62 10.69 7.08
C ALA A 338 -1.15 11.09 8.47
N ASP A 339 -0.82 10.10 9.29
CA ASP A 339 -0.36 10.39 10.65
C ASP A 339 1.09 10.86 10.70
N PHE A 340 1.81 10.72 9.60
CA PHE A 340 3.16 11.24 9.45
C PHE A 340 3.41 11.34 7.95
N PHE A 341 4.48 12.03 7.58
CA PHE A 341 4.86 12.15 6.19
C PHE A 341 5.94 11.10 5.92
N ALA A 342 5.61 10.09 5.12
CA ALA A 342 6.59 9.09 4.70
C ALA A 342 7.18 9.53 3.36
N PHE A 343 8.50 9.65 3.31
CA PHE A 343 9.21 10.22 2.16
C PHE A 343 10.20 9.21 1.58
N SER A 344 10.14 9.02 0.27
CA SER A 344 11.09 8.19 -0.47
C SER A 344 12.01 9.08 -1.30
N PHE A 345 13.32 8.87 -1.17
CA PHE A 345 14.32 9.67 -1.90
C PHE A 345 15.40 8.70 -2.36
N GLY A 346 15.24 8.17 -3.57
CA GLY A 346 16.09 7.12 -4.05
C GLY A 346 16.13 7.12 -5.56
N PRO A 347 16.87 6.17 -6.14
CA PRO A 347 17.12 6.22 -7.59
C PRO A 347 15.88 6.02 -8.43
N ASN A 348 14.82 5.41 -7.92
CA ASN A 348 13.60 5.27 -8.70
C ASN A 348 12.97 6.63 -9.05
N ASN A 349 13.34 7.71 -8.35
CA ASN A 349 12.82 9.01 -8.71
C ASN A 349 13.79 9.82 -9.56
N PHE A 350 14.92 9.23 -9.96
CA PHE A 350 15.91 9.90 -10.79
C PHE A 350 16.21 9.16 -12.09
N LYS A 351 15.91 7.88 -12.15
CA LYS A 351 16.37 7.00 -13.21
C LYS A 351 15.21 6.09 -13.60
N PRO A 352 14.89 5.99 -14.90
CA PRO A 352 15.52 6.62 -16.05
C PRO A 352 15.12 8.07 -16.27
N LEU A 353 15.59 8.64 -17.38
CA LEU A 353 15.47 10.07 -17.58
C LEU A 353 14.01 10.50 -17.69
N ASN A 354 13.17 9.68 -18.33
CA ASN A 354 11.75 10.04 -18.48
C ASN A 354 10.96 9.93 -17.16
N THR A 355 11.59 9.71 -16.01
CA THR A 355 10.83 9.54 -14.78
C THR A 355 10.17 10.83 -14.34
N MET A 356 10.78 11.98 -14.64
CA MET A 356 10.16 13.24 -14.29
C MET A 356 10.70 14.34 -15.21
N ALA A 357 10.01 15.46 -15.22
CA ALA A 357 10.36 16.58 -16.07
C ALA A 357 11.24 17.54 -15.28
N LYS A 358 12.46 17.76 -15.79
CA LYS A 358 13.39 18.70 -15.19
C LYS A 358 13.05 20.15 -15.53
N MET A 359 12.28 20.36 -16.60
CA MET A 359 11.84 21.70 -17.01
C MET A 359 13.03 22.65 -17.17
N GLY A 360 14.12 22.12 -17.72
CA GLY A 360 15.31 22.90 -18.02
C GLY A 360 16.20 23.21 -16.85
N GLN A 361 16.01 22.54 -15.71
CA GLN A 361 16.74 22.88 -14.50
C GLN A 361 17.77 21.79 -14.19
N ASN A 362 18.28 21.79 -12.96
CA ASN A 362 19.45 20.99 -12.60
C ASN A 362 19.05 19.98 -11.52
N VAL A 363 19.03 18.69 -11.90
CA VAL A 363 18.65 17.65 -10.95
C VAL A 363 19.67 17.59 -9.82
N SER A 364 19.17 17.34 -8.60
CA SER A 364 19.99 17.42 -7.40
C SER A 364 19.68 16.25 -6.46
N LEU A 365 20.70 15.77 -5.76
CA LEU A 365 20.50 14.77 -4.71
C LEU A 365 20.50 15.36 -3.31
N ASN A 366 20.18 16.64 -3.19
CA ASN A 366 20.26 17.34 -1.90
C ASN A 366 19.01 17.02 -1.08
N LEU A 367 19.14 15.97 -0.27
CA LEU A 367 18.03 15.52 0.57
C LEU A 367 17.67 16.56 1.63
N ARG A 368 18.66 17.34 2.10
CA ARG A 368 18.36 18.39 3.08
C ARG A 368 17.38 19.40 2.50
N GLU A 369 17.62 19.84 1.26
CA GLU A 369 16.73 20.81 0.65
C GLU A 369 15.37 20.21 0.34
N ALA A 370 15.33 18.96 -0.10
CA ALA A 370 14.04 18.31 -0.34
C ALA A 370 13.20 18.27 0.93
N LEU A 371 13.83 17.96 2.07
CA LEU A 371 13.10 17.93 3.35
C LEU A 371 12.58 19.31 3.71
N ASN A 372 13.36 20.34 3.42
CA ASN A 372 12.91 21.71 3.68
C ASN A 372 11.71 22.06 2.82
N TRP A 373 11.69 21.61 1.57
CA TRP A 373 10.53 21.84 0.71
C TRP A 373 9.27 21.22 1.32
N ILE A 374 9.39 19.99 1.83
CA ILE A 374 8.26 19.33 2.49
C ILE A 374 7.81 20.13 3.72
N LYS A 375 8.77 20.57 4.54
CA LYS A 375 8.44 21.35 5.73
C LYS A 375 7.65 22.60 5.36
N LEU A 376 8.06 23.30 4.32
CA LEU A 376 7.40 24.55 3.95
C LEU A 376 6.04 24.30 3.30
N GLU A 377 5.97 23.34 2.38
CA GLU A 377 4.73 23.09 1.64
C GLU A 377 3.64 22.50 2.52
N TYR A 378 4.00 21.62 3.45
CA TYR A 378 3.02 20.81 4.18
C TYR A 378 3.07 21.07 5.68
N ASN A 379 3.50 22.28 6.07
CA ASN A 379 3.29 22.82 7.41
C ASN A 379 3.94 21.95 8.49
N ASN A 380 5.22 21.63 8.26
CA ASN A 380 6.14 21.10 9.26
C ASN A 380 5.65 19.78 9.86
N PRO A 381 5.41 18.76 9.05
CA PRO A 381 4.93 17.48 9.57
C PRO A 381 6.05 16.62 10.13
N ARG A 382 5.67 15.61 10.91
CA ARG A 382 6.65 14.62 11.29
C ARG A 382 6.98 13.78 10.07
N ILE A 383 8.25 13.44 9.89
CA ILE A 383 8.72 12.80 8.66
C ILE A 383 9.46 11.50 9.00
N LEU A 384 9.06 10.43 8.33
CA LEU A 384 9.83 9.20 8.26
C LEU A 384 10.48 9.15 6.89
N ILE A 385 11.79 9.01 6.85
CA ILE A 385 12.42 8.70 5.57
C ILE A 385 12.19 7.21 5.34
N ALA A 386 11.23 6.89 4.48
CA ALA A 386 10.77 5.53 4.27
C ALA A 386 11.58 4.77 3.24
N GLU A 387 12.45 5.46 2.50
CA GLU A 387 13.35 4.82 1.53
C GLU A 387 14.45 5.81 1.19
N ASN A 388 15.70 5.39 1.36
CA ASN A 388 16.81 6.25 0.97
C ASN A 388 18.02 5.37 0.67
N GLY A 389 18.74 5.73 -0.38
CA GLY A 389 19.93 5.01 -0.77
C GLY A 389 20.18 5.22 -2.24
N TRP A 390 21.12 4.46 -2.77
CA TRP A 390 21.40 4.57 -4.20
C TRP A 390 21.48 3.16 -4.77
N PHE A 391 22.34 2.92 -5.76
CA PHE A 391 22.50 1.60 -6.34
C PHE A 391 23.93 1.44 -6.83
N THR A 392 24.35 0.19 -6.99
CA THR A 392 25.61 -0.10 -7.69
C THR A 392 25.32 -0.98 -8.90
N ASP A 393 26.27 -0.99 -9.82
CA ASP A 393 26.26 -2.02 -10.86
C ASP A 393 26.30 -3.39 -10.19
N SER A 394 25.67 -4.38 -10.84
CA SER A 394 25.57 -5.71 -10.23
C SER A 394 26.93 -6.39 -10.11
N ARG A 395 27.97 -5.89 -10.78
CA ARG A 395 29.29 -6.50 -10.63
C ARG A 395 29.94 -6.15 -9.30
N VAL A 396 29.39 -5.19 -8.56
CA VAL A 396 29.89 -4.84 -7.24
C VAL A 396 29.21 -5.74 -6.22
N LYS A 397 30.01 -6.55 -5.51
CA LYS A 397 29.41 -7.61 -4.71
C LYS A 397 29.28 -7.20 -3.24
N THR A 398 30.40 -7.02 -2.53
CA THR A 398 30.33 -6.58 -1.14
C THR A 398 31.08 -5.29 -0.83
N GLU A 399 32.05 -4.88 -1.65
CA GLU A 399 32.79 -3.64 -1.39
C GLU A 399 32.04 -2.46 -2.04
N ASP A 400 30.88 -2.15 -1.47
CA ASP A 400 30.01 -1.13 -2.06
C ASP A 400 30.37 0.25 -1.50
N THR A 401 31.59 0.68 -1.86
CA THR A 401 32.14 1.91 -1.33
C THR A 401 31.27 3.12 -1.66
N THR A 402 30.69 3.14 -2.88
CA THR A 402 29.85 4.27 -3.26
C THR A 402 28.58 4.30 -2.44
N ALA A 403 28.07 3.13 -2.02
CA ALA A 403 26.91 3.12 -1.13
C ALA A 403 27.23 3.75 0.21
N ILE A 404 28.45 3.53 0.74
CA ILE A 404 28.82 4.18 1.99
C ILE A 404 28.95 5.68 1.78
N TYR A 405 29.58 6.09 0.67
CA TYR A 405 29.71 7.51 0.36
C TYR A 405 28.35 8.18 0.29
N MET A 406 27.40 7.55 -0.40
CA MET A 406 26.06 8.11 -0.51
C MET A 406 25.37 8.16 0.86
N MET A 407 25.54 7.09 1.65
CA MET A 407 24.86 7.03 2.95
C MET A 407 25.40 8.10 3.89
N LYS A 408 26.72 8.29 3.91
CA LYS A 408 27.32 9.33 4.72
C LYS A 408 26.77 10.70 4.33
N ASN A 409 26.66 10.97 3.04
CA ASN A 409 26.18 12.28 2.61
C ASN A 409 24.70 12.45 2.90
N PHE A 410 23.88 11.44 2.60
CA PHE A 410 22.46 11.51 2.90
C PHE A 410 22.22 11.72 4.40
N LEU A 411 22.90 10.93 5.23
CA LEU A 411 22.65 11.02 6.67
C LEU A 411 23.14 12.35 7.22
N SER A 412 24.26 12.87 6.70
CA SER A 412 24.70 14.19 7.12
C SER A 412 23.67 15.25 6.75
N GLN A 413 23.08 15.13 5.56
CA GLN A 413 22.01 16.02 5.16
C GLN A 413 20.80 15.90 6.08
N VAL A 414 20.42 14.66 6.46
CA VAL A 414 19.30 14.50 7.38
C VAL A 414 19.61 15.17 8.72
N LEU A 415 20.83 15.00 9.22
CA LEU A 415 21.18 15.57 10.52
C LEU A 415 21.16 17.10 10.46
N GLN A 416 21.64 17.67 9.36
CA GLN A 416 21.54 19.12 9.18
C GLN A 416 20.09 19.58 9.10
N ALA A 417 19.26 18.85 8.35
CA ALA A 417 17.84 19.20 8.31
C ALA A 417 17.24 19.22 9.71
N ILE A 418 17.55 18.21 10.54
CA ILE A 418 17.00 18.16 11.90
C ILE A 418 17.51 19.34 12.73
N ARG A 419 18.83 19.53 12.76
CA ARG A 419 19.43 20.42 13.75
C ARG A 419 19.47 21.88 13.29
N LEU A 420 19.67 22.14 12.01
CA LEU A 420 19.71 23.53 11.55
C LEU A 420 18.36 24.01 11.04
N ASP A 421 17.57 23.13 10.44
CA ASP A 421 16.30 23.54 9.83
C ASP A 421 15.08 23.14 10.67
N GLU A 422 15.28 22.44 11.79
CA GLU A 422 14.20 22.03 12.69
C GLU A 422 13.18 21.15 11.97
N ILE A 423 13.63 20.36 11.02
CA ILE A 423 12.72 19.47 10.31
C ILE A 423 12.52 18.22 11.15
N ARG A 424 11.26 17.76 11.23
CA ARG A 424 10.85 16.78 12.23
C ARG A 424 11.05 15.34 11.74
N VAL A 425 12.25 15.02 11.28
CA VAL A 425 12.57 13.66 10.88
C VAL A 425 12.76 12.82 12.12
N PHE A 426 11.97 11.74 12.25
CA PHE A 426 12.05 10.88 13.42
C PHE A 426 12.61 9.49 13.12
N GLY A 427 12.81 9.14 11.85
CA GLY A 427 13.39 7.85 11.54
C GLY A 427 13.90 7.76 10.12
N TYR A 428 14.71 6.73 9.87
CA TYR A 428 15.43 6.58 8.62
C TYR A 428 15.40 5.12 8.20
N THR A 429 14.92 4.87 6.98
CA THR A 429 14.89 3.52 6.39
C THR A 429 16.00 3.42 5.36
N ALA A 430 17.08 2.71 5.68
CA ALA A 430 18.05 2.36 4.66
C ALA A 430 17.40 1.40 3.65
N TRP A 431 17.72 1.56 2.36
CA TRP A 431 17.15 0.70 1.32
C TRP A 431 18.28 0.06 0.53
N SER A 432 18.28 -1.26 0.31
CA SER A 432 17.29 -2.24 0.79
C SER A 432 18.02 -3.25 1.68
N LEU A 433 17.28 -4.09 2.41
CA LEU A 433 17.95 -5.08 3.26
C LEU A 433 18.86 -5.99 2.44
N LEU A 434 18.38 -6.46 1.30
CA LEU A 434 19.21 -7.38 0.53
C LEU A 434 18.96 -7.17 -0.95
N ASP A 435 19.94 -7.62 -1.74
CA ASP A 435 19.84 -7.56 -3.19
C ASP A 435 18.61 -8.32 -3.67
N GLY A 436 17.94 -7.74 -4.67
CA GLY A 436 16.75 -8.37 -5.23
C GLY A 436 16.49 -7.95 -6.65
N PHE A 437 15.27 -8.21 -7.10
CA PHE A 437 14.83 -7.84 -8.43
C PHE A 437 14.48 -6.36 -8.46
N GLU A 438 15.15 -5.60 -9.30
CA GLU A 438 14.99 -4.14 -9.31
C GLU A 438 14.17 -3.67 -10.52
N TRP A 439 12.97 -4.24 -10.65
CA TRP A 439 11.94 -3.74 -11.58
C TRP A 439 12.48 -3.83 -13.02
N GLN A 440 12.37 -2.78 -13.83
CA GLN A 440 12.81 -2.89 -15.21
C GLN A 440 14.31 -3.11 -15.31
N ASP A 441 15.07 -2.79 -14.25
CA ASP A 441 16.51 -3.06 -14.22
C ASP A 441 16.84 -4.49 -13.83
N ALA A 442 15.84 -5.31 -13.45
CA ALA A 442 16.02 -6.71 -13.09
C ALA A 442 17.16 -6.91 -12.11
N TYR A 443 18.16 -7.70 -12.47
CA TYR A 443 19.32 -7.92 -11.61
C TYR A 443 20.56 -7.21 -12.11
N THR A 444 20.42 -6.20 -12.96
CA THR A 444 21.60 -5.50 -13.47
C THR A 444 22.15 -4.46 -12.52
N ILE A 445 21.43 -4.15 -11.44
CA ILE A 445 21.92 -3.26 -10.39
C ILE A 445 21.67 -3.96 -9.05
N ARG A 446 22.37 -3.49 -8.02
CA ARG A 446 22.18 -3.99 -6.66
C ARG A 446 21.92 -2.83 -5.71
N ARG A 447 20.99 -3.03 -4.78
CA ARG A 447 20.69 -2.01 -3.79
C ARG A 447 20.72 -2.52 -2.36
N GLY A 448 21.04 -3.79 -2.14
CA GLY A 448 21.00 -4.35 -0.80
C GLY A 448 22.19 -3.93 0.05
N LEU A 449 21.96 -3.87 1.37
CA LEU A 449 23.09 -3.86 2.29
C LEU A 449 23.67 -5.25 2.47
N PHE A 450 22.90 -6.30 2.17
CA PHE A 450 23.42 -7.66 2.13
C PHE A 450 23.46 -8.13 0.70
N TYR A 451 24.60 -8.68 0.31
CA TYR A 451 24.78 -9.24 -1.01
C TYR A 451 24.14 -10.64 -1.11
N VAL A 452 23.53 -10.93 -2.26
CA VAL A 452 22.97 -12.25 -2.54
C VAL A 452 23.49 -12.71 -3.89
N ASP A 453 24.14 -13.88 -3.92
CA ASP A 453 24.55 -14.52 -5.17
C ASP A 453 23.36 -15.26 -5.74
N PHE A 454 22.76 -14.71 -6.79
CA PHE A 454 21.53 -15.26 -7.33
C PHE A 454 21.75 -16.57 -8.07
N ASN A 455 22.99 -16.96 -8.33
CA ASN A 455 23.30 -18.25 -8.92
C ASN A 455 23.57 -19.32 -7.88
N SER A 456 23.51 -18.98 -6.60
CA SER A 456 23.70 -19.92 -5.49
C SER A 456 22.34 -20.38 -4.96
N LYS A 457 22.18 -21.69 -4.76
CA LYS A 457 20.90 -22.20 -4.27
C LYS A 457 20.59 -21.68 -2.86
N GLN A 458 21.61 -21.51 -2.02
CA GLN A 458 21.36 -21.13 -0.64
C GLN A 458 21.09 -19.63 -0.47
N LYS A 459 21.47 -18.80 -1.44
CA LYS A 459 21.19 -17.36 -1.40
C LYS A 459 21.65 -16.73 -0.09
N GLU A 460 22.84 -17.10 0.39
CA GLU A 460 23.31 -16.55 1.65
C GLU A 460 23.38 -15.03 1.62
N ARG A 461 22.94 -14.41 2.71
CA ARG A 461 22.95 -12.96 2.83
C ARG A 461 24.30 -12.54 3.41
N LYS A 462 25.16 -11.98 2.58
CA LYS A 462 26.51 -11.64 3.00
C LYS A 462 26.58 -10.15 3.24
N PRO A 463 26.90 -9.70 4.46
CA PRO A 463 26.95 -8.26 4.72
C PRO A 463 27.99 -7.59 3.83
N LYS A 464 27.55 -6.53 3.15
CA LYS A 464 28.48 -5.68 2.39
C LYS A 464 29.15 -4.68 3.32
N SER A 465 30.13 -3.95 2.74
CA SER A 465 30.73 -2.86 3.48
C SER A 465 29.69 -1.92 4.07
N SER A 466 28.62 -1.64 3.30
CA SER A 466 27.58 -0.73 3.82
C SER A 466 26.80 -1.34 4.97
N ALA A 467 26.66 -2.67 5.02
CA ALA A 467 26.02 -3.29 6.18
C ALA A 467 26.86 -3.09 7.44
N HIS A 468 28.17 -3.28 7.33
CA HIS A 468 29.05 -3.02 8.47
C HIS A 468 29.02 -1.55 8.87
N TYR A 469 28.98 -0.66 7.88
CA TYR A 469 28.93 0.77 8.17
C TYR A 469 27.64 1.16 8.87
N TYR A 470 26.50 0.72 8.33
CA TYR A 470 25.21 1.08 8.92
C TYR A 470 25.05 0.45 10.31
N LYS A 471 25.57 -0.76 10.49
CA LYS A 471 25.56 -1.37 11.82
C LYS A 471 26.26 -0.45 12.83
N GLN A 472 27.40 0.11 12.46
CA GLN A 472 28.12 1.00 13.37
C GLN A 472 27.39 2.33 13.54
N ILE A 473 26.77 2.85 12.46
CA ILE A 473 25.93 4.04 12.57
C ILE A 473 24.85 3.85 13.63
N ILE A 474 24.16 2.71 13.58
CA ILE A 474 23.10 2.46 14.56
C ILE A 474 23.70 2.36 15.97
N ARG A 475 24.81 1.64 16.11
CA ARG A 475 25.40 1.46 17.42
C ARG A 475 25.80 2.78 18.06
N GLU A 476 26.38 3.69 17.29
CA GLU A 476 26.80 4.99 17.80
C GLU A 476 25.75 6.08 17.64
N ASN A 477 24.57 5.72 17.13
CA ASN A 477 23.50 6.69 16.84
C ASN A 477 24.01 7.82 15.96
N GLY A 478 24.86 7.48 15.02
CA GLY A 478 25.39 8.46 14.10
C GLY A 478 26.83 8.18 13.73
N PHE A 479 27.54 9.22 13.34
CA PHE A 479 28.90 9.05 12.86
C PHE A 479 29.84 8.80 14.03
N SER A 480 30.96 8.14 13.72
CA SER A 480 31.81 7.59 14.77
C SER A 480 32.35 8.70 15.65
N LEU A 481 32.41 8.42 16.96
CA LEU A 481 32.92 9.39 17.92
C LEU A 481 34.39 9.14 18.25
N GLN B 3 -28.68 -8.79 17.89
CA GLN B 3 -27.80 -7.81 17.26
C GLN B 3 -28.02 -7.75 15.75
N LEU B 4 -28.51 -8.84 15.17
CA LEU B 4 -28.86 -8.91 13.75
C LEU B 4 -30.36 -9.12 13.62
N VAL B 5 -31.01 -8.28 12.82
CA VAL B 5 -32.47 -8.30 12.72
C VAL B 5 -32.87 -8.41 11.25
N GLU B 6 -33.48 -9.54 10.87
CA GLU B 6 -33.99 -9.72 9.53
C GLU B 6 -35.30 -8.99 9.33
N SER B 7 -35.59 -8.66 8.08
CA SER B 7 -36.90 -8.16 7.70
C SER B 7 -37.09 -8.43 6.21
N GLY B 8 -38.35 -8.43 5.78
CA GLY B 8 -38.68 -8.55 4.38
C GLY B 8 -39.14 -9.90 3.88
N GLY B 9 -39.30 -10.89 4.77
CA GLY B 9 -39.77 -12.19 4.34
C GLY B 9 -41.25 -12.24 3.94
N GLY B 10 -41.81 -13.44 3.84
CA GLY B 10 -43.23 -13.57 3.61
C GLY B 10 -43.55 -14.46 2.44
N LEU B 11 -44.76 -14.31 1.92
CA LEU B 11 -45.25 -15.09 0.81
C LEU B 11 -45.03 -14.35 -0.50
N VAL B 12 -44.75 -15.11 -1.56
CA VAL B 12 -44.54 -14.52 -2.88
C VAL B 12 -44.81 -15.61 -3.92
N GLN B 13 -45.22 -15.19 -5.11
CA GLN B 13 -45.53 -16.15 -6.17
C GLN B 13 -44.26 -16.54 -6.92
N ALA B 14 -44.30 -17.73 -7.51
CA ALA B 14 -43.16 -18.22 -8.28
C ALA B 14 -42.83 -17.27 -9.41
N GLY B 15 -41.54 -16.99 -9.59
CA GLY B 15 -41.10 -15.96 -10.50
C GLY B 15 -41.03 -14.57 -9.90
N GLY B 16 -41.56 -14.38 -8.70
CA GLY B 16 -41.64 -13.08 -8.09
C GLY B 16 -40.34 -12.65 -7.43
N SER B 17 -40.38 -11.48 -6.80
CA SER B 17 -39.22 -10.87 -6.15
C SER B 17 -39.50 -10.57 -4.68
N LEU B 18 -38.46 -10.67 -3.87
CA LEU B 18 -38.51 -10.24 -2.48
C LEU B 18 -37.14 -9.68 -2.13
N ARG B 19 -37.12 -8.63 -1.33
CA ARG B 19 -35.87 -8.12 -0.80
C ARG B 19 -35.82 -8.37 0.71
N LEU B 20 -34.81 -9.12 1.14
CA LEU B 20 -34.54 -9.26 2.56
C LEU B 20 -33.51 -8.23 2.98
N SER B 21 -33.57 -7.87 4.25
CA SER B 21 -32.59 -6.95 4.81
C SER B 21 -32.21 -7.42 6.20
N CYS B 22 -31.00 -7.07 6.61
CA CYS B 22 -30.48 -7.43 7.92
C CYS B 22 -29.85 -6.18 8.52
N ALA B 23 -30.38 -5.76 9.67
CA ALA B 23 -29.91 -4.56 10.34
C ALA B 23 -29.07 -4.96 11.55
N ALA B 24 -27.83 -4.44 11.60
CA ALA B 24 -26.96 -4.63 12.75
C ALA B 24 -27.15 -3.49 13.73
N SER B 25 -26.59 -3.66 14.93
CA SER B 25 -26.74 -2.67 16.00
C SER B 25 -25.45 -1.96 16.35
N GLN B 26 -24.33 -2.32 15.72
CA GLN B 26 -23.03 -1.70 15.97
C GLN B 26 -22.63 -1.82 17.44
N SER B 30 -17.42 -1.90 14.42
CA SER B 30 -16.37 -2.60 13.70
C SER B 30 -16.90 -3.18 12.39
N PRO B 31 -16.00 -3.38 11.43
CA PRO B 31 -16.41 -3.98 10.15
C PRO B 31 -16.84 -5.42 10.32
N TYR B 32 -17.72 -5.87 9.43
CA TYR B 32 -18.13 -7.26 9.40
C TYR B 32 -18.51 -7.66 7.99
N VAL B 33 -18.34 -8.95 7.70
CA VAL B 33 -18.92 -9.59 6.52
C VAL B 33 -20.37 -9.90 6.82
N GLY B 34 -21.28 -9.50 5.94
CA GLY B 34 -22.68 -9.84 6.07
C GLY B 34 -22.98 -11.09 5.26
N GLY B 35 -23.66 -12.04 5.89
CA GLY B 35 -23.95 -13.31 5.26
C GLY B 35 -25.44 -13.62 5.34
N TRP B 36 -25.85 -14.53 4.46
CA TRP B 36 -27.21 -15.06 4.45
C TRP B 36 -27.12 -16.57 4.30
N PHE B 37 -27.86 -17.29 5.14
CA PHE B 37 -28.01 -18.74 5.04
C PHE B 37 -29.49 -19.06 4.98
N ARG B 38 -29.82 -20.31 4.67
CA ARG B 38 -31.23 -20.69 4.67
C ARG B 38 -31.36 -22.15 5.03
N GLN B 39 -32.54 -22.50 5.57
CA GLN B 39 -32.81 -23.88 5.97
C GLN B 39 -34.20 -24.25 5.50
N ALA B 40 -34.26 -25.18 4.57
CA ALA B 40 -35.49 -25.70 4.00
C ALA B 40 -35.98 -26.90 4.79
N PRO B 41 -37.28 -27.20 4.76
CA PRO B 41 -37.79 -28.36 5.49
C PRO B 41 -37.03 -29.63 5.09
N GLY B 42 -36.59 -30.38 6.10
CA GLY B 42 -35.90 -31.63 5.89
C GLY B 42 -34.46 -31.53 5.43
N LYS B 43 -33.92 -30.32 5.30
CA LYS B 43 -32.56 -30.15 4.81
C LYS B 43 -31.74 -29.36 5.82
N GLU B 44 -30.42 -29.43 5.66
CA GLU B 44 -29.54 -28.73 6.56
C GLU B 44 -29.41 -27.26 6.12
N ARG B 45 -29.07 -26.42 7.08
CA ARG B 45 -28.84 -25.01 6.80
C ARG B 45 -27.69 -24.87 5.80
N GLU B 46 -27.87 -23.99 4.81
CA GLU B 46 -26.92 -23.89 3.71
C GLU B 46 -26.62 -22.44 3.39
N PHE B 47 -25.44 -22.20 2.83
CA PHE B 47 -25.02 -20.87 2.42
C PHE B 47 -25.85 -20.35 1.26
N VAL B 48 -26.16 -19.04 1.31
CA VAL B 48 -26.87 -18.35 0.23
C VAL B 48 -25.97 -17.29 -0.41
N ALA B 49 -25.49 -16.32 0.38
CA ALA B 49 -24.73 -15.19 -0.17
C ALA B 49 -24.01 -14.46 0.95
N ALA B 50 -22.91 -13.78 0.62
CA ALA B 50 -22.23 -12.97 1.62
C ALA B 50 -21.49 -11.83 0.93
N ILE B 51 -21.18 -10.79 1.70
CA ILE B 51 -20.60 -9.57 1.14
C ILE B 51 -19.57 -9.00 2.11
N SER B 52 -18.43 -8.59 1.56
CA SER B 52 -17.36 -7.99 2.35
C SER B 52 -17.77 -6.62 2.90
N TRP B 53 -16.96 -6.14 3.86
CA TRP B 53 -17.24 -4.86 4.54
C TRP B 53 -17.44 -3.72 3.55
N SER B 54 -16.53 -3.56 2.58
CA SER B 54 -16.61 -2.47 1.63
C SER B 54 -17.35 -2.83 0.35
N GLY B 55 -17.93 -4.02 0.26
CA GLY B 55 -18.74 -4.40 -0.88
C GLY B 55 -17.97 -4.84 -2.10
N GLY B 56 -16.64 -4.95 -2.03
CA GLY B 56 -15.90 -5.35 -3.20
C GLY B 56 -15.99 -6.82 -3.53
N THR B 57 -16.30 -7.66 -2.55
CA THR B 57 -16.36 -9.10 -2.72
C THR B 57 -17.77 -9.56 -2.38
N LYS B 58 -18.48 -10.06 -3.39
CA LYS B 58 -19.81 -10.65 -3.23
C LYS B 58 -19.73 -12.10 -3.67
N LEU B 59 -20.26 -13.00 -2.84
CA LEU B 59 -20.16 -14.43 -3.06
C LEU B 59 -21.55 -15.04 -2.96
N TYR B 60 -21.87 -15.94 -3.89
CA TYR B 60 -23.20 -16.54 -3.97
C TYR B 60 -23.09 -18.04 -4.04
N ALA B 61 -24.04 -18.72 -3.40
CA ALA B 61 -24.21 -20.15 -3.64
C ALA B 61 -24.58 -20.38 -5.10
N ASP B 62 -24.10 -21.49 -5.66
CA ASP B 62 -24.38 -21.78 -7.07
C ASP B 62 -25.87 -21.80 -7.38
N SER B 63 -26.71 -22.19 -6.41
CA SER B 63 -28.14 -22.32 -6.66
C SER B 63 -28.83 -20.98 -6.85
N VAL B 64 -28.23 -19.89 -6.39
CA VAL B 64 -28.86 -18.58 -6.50
C VAL B 64 -28.06 -17.60 -7.35
N LYS B 65 -26.90 -18.00 -7.83
CA LYS B 65 -26.04 -17.11 -8.61
C LYS B 65 -26.77 -16.64 -9.86
N GLY B 66 -26.75 -15.33 -10.10
CA GLY B 66 -27.46 -14.75 -11.22
C GLY B 66 -28.93 -14.47 -10.98
N ARG B 67 -29.51 -14.94 -9.88
CA ARG B 67 -30.86 -14.57 -9.50
C ARG B 67 -30.94 -13.69 -8.27
N PHE B 68 -30.03 -13.86 -7.32
CA PHE B 68 -29.98 -13.04 -6.11
C PHE B 68 -28.85 -12.04 -6.24
N THR B 69 -29.04 -10.87 -5.63
CA THR B 69 -28.01 -9.82 -5.61
C THR B 69 -27.86 -9.30 -4.18
N ILE B 70 -26.64 -9.35 -3.64
CA ILE B 70 -26.40 -8.86 -2.27
C ILE B 70 -25.73 -7.49 -2.36
N SER B 71 -26.10 -6.60 -1.44
CA SER B 71 -25.54 -5.26 -1.37
C SER B 71 -25.63 -4.81 0.08
N ARG B 72 -25.01 -3.66 0.39
CA ARG B 72 -25.07 -3.17 1.75
C ARG B 72 -24.97 -1.65 1.76
N ASP B 73 -25.46 -1.08 2.85
CA ASP B 73 -25.35 0.36 3.10
C ASP B 73 -24.86 0.51 4.53
N ASN B 74 -23.56 0.77 4.69
CA ASN B 74 -22.99 0.80 6.03
C ASN B 74 -23.47 2.01 6.81
N ALA B 75 -23.82 3.10 6.12
CA ALA B 75 -24.42 4.24 6.79
C ALA B 75 -25.72 3.86 7.50
N LYS B 76 -26.43 2.86 6.96
CA LYS B 76 -27.65 2.34 7.58
C LYS B 76 -27.43 1.05 8.34
N ASN B 77 -26.19 0.56 8.41
CA ASN B 77 -25.86 -0.71 9.07
C ASN B 77 -26.69 -1.87 8.52
N THR B 78 -27.03 -1.82 7.23
CA THR B 78 -27.96 -2.78 6.66
C THR B 78 -27.33 -3.50 5.47
N VAL B 79 -27.52 -4.81 5.42
CA VAL B 79 -27.17 -5.65 4.28
C VAL B 79 -28.46 -6.09 3.61
N TYR B 80 -28.51 -6.01 2.29
CA TYR B 80 -29.69 -6.32 1.50
C TYR B 80 -29.48 -7.57 0.67
N LEU B 81 -30.53 -8.38 0.54
CA LEU B 81 -30.51 -9.54 -0.36
C LEU B 81 -31.71 -9.41 -1.30
N GLN B 82 -31.45 -8.99 -2.54
CA GLN B 82 -32.49 -8.85 -3.55
C GLN B 82 -32.68 -10.22 -4.19
N MET B 83 -33.84 -10.84 -3.97
CA MET B 83 -34.11 -12.19 -4.49
C MET B 83 -35.10 -12.08 -5.63
N ASN B 84 -34.61 -12.33 -6.85
CA ASN B 84 -35.44 -12.27 -8.04
C ASN B 84 -35.61 -13.65 -8.66
N THR B 85 -36.65 -13.79 -9.48
CA THR B 85 -36.98 -15.05 -10.14
C THR B 85 -37.06 -16.19 -9.12
N LEU B 86 -37.83 -15.95 -8.06
CA LEU B 86 -37.92 -16.91 -6.98
C LEU B 86 -38.59 -18.21 -7.45
N LYS B 87 -38.13 -19.33 -6.91
CA LYS B 87 -38.61 -20.66 -7.23
C LYS B 87 -39.17 -21.32 -5.99
N ARG B 88 -40.02 -22.33 -6.21
CA ARG B 88 -40.55 -23.11 -5.10
C ARG B 88 -39.44 -23.63 -4.18
N GLU B 89 -38.35 -24.12 -4.77
CA GLU B 89 -37.25 -24.66 -3.97
C GLU B 89 -36.49 -23.58 -3.18
N ASP B 90 -36.78 -22.31 -3.40
CA ASP B 90 -36.20 -21.27 -2.55
C ASP B 90 -36.95 -21.11 -1.23
N THR B 91 -38.05 -21.85 -1.01
CA THR B 91 -38.76 -21.79 0.25
C THR B 91 -37.86 -22.29 1.39
N ALA B 92 -37.77 -21.49 2.46
CA ALA B 92 -36.87 -21.78 3.58
C ALA B 92 -37.02 -20.68 4.62
N VAL B 93 -36.49 -20.93 5.80
CA VAL B 93 -36.22 -19.87 6.76
C VAL B 93 -34.85 -19.30 6.41
N TYR B 94 -34.79 -18.00 6.17
CA TYR B 94 -33.55 -17.32 5.81
C TYR B 94 -32.96 -16.66 7.05
N TYR B 95 -31.68 -16.92 7.30
CA TYR B 95 -30.98 -16.38 8.46
C TYR B 95 -29.92 -15.40 7.99
N CYS B 96 -29.88 -14.22 8.59
CA CYS B 96 -28.71 -13.42 8.30
C CYS B 96 -27.63 -13.71 9.34
N ALA B 97 -26.39 -13.43 8.96
CA ALA B 97 -25.27 -13.81 9.80
C ALA B 97 -24.18 -12.78 9.61
N ALA B 98 -23.20 -12.80 10.51
CA ALA B 98 -22.07 -11.89 10.39
C ALA B 98 -20.78 -12.54 10.87
N ARG B 99 -19.70 -12.14 10.24
CA ARG B 99 -18.35 -12.61 10.55
C ARG B 99 -17.49 -11.37 10.61
N ARG B 100 -16.71 -11.22 11.69
CA ARG B 100 -15.92 -10.00 11.88
C ARG B 100 -14.75 -9.93 10.89
N ILE B 101 -13.96 -11.00 10.81
CA ILE B 101 -12.80 -11.02 9.92
C ILE B 101 -13.25 -10.84 8.48
N ASN B 102 -12.61 -9.90 7.77
CA ASN B 102 -13.08 -9.47 6.45
C ASN B 102 -12.61 -10.46 5.39
N GLU B 103 -13.19 -11.65 5.46
CA GLU B 103 -12.87 -12.76 4.59
C GLU B 103 -14.19 -13.47 4.33
N VAL B 104 -14.63 -13.52 3.08
CA VAL B 104 -15.99 -13.91 2.73
C VAL B 104 -15.99 -15.42 2.52
N LEU B 105 -16.46 -16.16 3.52
CA LEU B 105 -16.48 -17.61 3.54
C LEU B 105 -17.91 -18.12 3.38
N THR B 106 -18.03 -19.40 3.02
CA THR B 106 -19.33 -20.01 2.76
C THR B 106 -19.74 -20.99 3.84
N THR B 107 -18.98 -21.07 4.92
CA THR B 107 -19.15 -22.09 5.95
C THR B 107 -19.82 -21.48 7.18
N ALA B 108 -20.96 -22.05 7.57
CA ALA B 108 -21.67 -21.58 8.76
C ALA B 108 -20.82 -21.51 10.01
N PRO B 109 -19.90 -22.45 10.32
CA PRO B 109 -19.09 -22.32 11.54
C PRO B 109 -18.21 -21.09 11.57
N ASP B 110 -18.02 -20.41 10.45
CA ASP B 110 -17.14 -19.26 10.39
C ASP B 110 -17.87 -17.94 10.63
N TYR B 111 -19.18 -17.98 10.86
CA TYR B 111 -19.98 -16.81 11.21
C TYR B 111 -20.37 -16.96 12.67
N ASP B 112 -20.01 -15.98 13.50
CA ASP B 112 -20.27 -16.09 14.93
C ASP B 112 -21.43 -15.23 15.41
N PHE B 113 -22.09 -14.49 14.53
CA PHE B 113 -23.29 -13.74 14.87
C PHE B 113 -24.40 -14.14 13.92
N TRP B 114 -25.57 -14.43 14.48
CA TRP B 114 -26.70 -14.93 13.71
C TRP B 114 -27.97 -14.20 14.10
N GLY B 115 -28.90 -14.09 13.14
CA GLY B 115 -30.21 -13.57 13.39
C GLY B 115 -31.19 -14.65 13.84
N GLN B 116 -32.47 -14.28 13.86
CA GLN B 116 -33.53 -15.18 14.30
C GLN B 116 -34.15 -15.98 13.17
N GLY B 117 -34.00 -15.52 11.94
CA GLY B 117 -34.60 -16.20 10.80
C GLY B 117 -35.88 -15.53 10.35
N THR B 118 -36.16 -15.59 9.05
CA THR B 118 -37.41 -15.08 8.51
C THR B 118 -37.92 -16.07 7.46
N GLN B 119 -39.20 -16.43 7.57
CA GLN B 119 -39.76 -17.39 6.64
C GLN B 119 -39.96 -16.74 5.28
N VAL B 120 -39.54 -17.44 4.24
CA VAL B 120 -39.84 -17.08 2.86
C VAL B 120 -40.53 -18.28 2.23
N THR B 121 -41.71 -18.07 1.68
CA THR B 121 -42.48 -19.14 1.07
C THR B 121 -42.79 -18.73 -0.37
N VAL B 122 -42.41 -19.59 -1.32
CA VAL B 122 -42.65 -19.36 -2.74
C VAL B 122 -43.64 -20.42 -3.23
N SER B 123 -44.74 -19.97 -3.81
CA SER B 123 -45.80 -20.86 -4.25
C SER B 123 -45.57 -21.25 -5.72
N SER B 124 -46.62 -21.71 -6.40
CA SER B 124 -46.49 -22.07 -7.81
C SER B 124 -47.64 -21.50 -8.63
#